data_5U2O
#
_entry.id   5U2O
#
_cell.length_a   90.960
_cell.length_b   90.960
_cell.length_c   316.320
_cell.angle_alpha   90.00
_cell.angle_beta   90.00
_cell.angle_gamma   120.00
#
_symmetry.space_group_name_H-M   'P 65 2 2'
#
loop_
_entity.id
_entity.type
_entity.pdbx_description
1 polymer 'J30 CCH'
2 non-polymer 'CITRATE ANION'
3 non-polymer GLYCEROL
4 non-polymer 'ZINC ION'
5 water water
#
_entity_poly.entity_id   1
_entity_poly.type   'polypeptide(L)'
_entity_poly.pdbx_seq_one_letter_code
;MLPEFPKIAVVAGSEAESVFRVVDIGTGDVVYEGRLSDSVYDDASGDTVRHADFGEWKRPGSYSVTVGRSSSAPFRIGND
VYRAPLIQAARSYTLARCGVAIDDPVTGLRHDVCHAQDKQAMLFFEDPFHRQGDPIDVSGGWHDAGDYGKYVPTGAVAAA
QLMLAWEMRPELWRSLSLSLPAGLSEPERRAGLPDLLVEIKYELDWLLRMQRPDGAVYLKVAGGAWPGYIRPEEDTADRY
VFGLSTYGTAQFAGAAAMGARVYAPFLPDYARKLLDAAIRAQRYLEQHPDPEFRYDEGQNNGSGPYEKRTDREERFWAAA
ELLRTTDDARYDAYIREHFSDFLEGKTSAVFWGNTVLLGQWAYVNAERADADHKASVRASLTAYADELVRWASANGYRSV
LRPTDYFWGSAREAMGRAQALLLADAVAPNRAYLETALDQAHWLFGRNAAGTSFMTGIGMHSPQKPHHRLVASTQTLIPG
LVVGGPNAQGGDPIMDRLLRESDPRVFPAKAYVDDWEAYSVNEPAIDYTAPAVFVLTRFAEDRGSGENLYFQGWSHPQFE
KNSAVDGSGHHHHHHH
;
_entity_poly.pdbx_strand_id   A
#
# COMPACT_ATOMS: atom_id res chain seq x y z
N MET A 1 5.29 17.25 -11.19
CA MET A 1 6.49 16.39 -11.41
C MET A 1 7.79 17.08 -11.02
N LEU A 2 8.90 16.28 -10.99
CA LEU A 2 10.18 16.71 -10.43
C LEU A 2 11.11 17.26 -11.52
N PRO A 3 11.88 18.30 -11.18
CA PRO A 3 12.77 18.89 -12.18
C PRO A 3 13.79 17.95 -12.80
N GLU A 4 14.34 17.01 -12.04
CA GLU A 4 15.46 16.20 -12.53
C GLU A 4 15.04 14.86 -13.10
N PHE A 5 13.76 14.59 -13.23
CA PHE A 5 13.27 13.32 -13.73
C PHE A 5 12.56 13.47 -15.06
N PRO A 6 12.31 12.37 -15.74
CA PRO A 6 11.62 12.43 -17.04
C PRO A 6 10.27 13.10 -16.94
N LYS A 7 9.86 13.69 -18.06
CA LYS A 7 8.62 14.45 -18.13
C LYS A 7 7.96 14.09 -19.45
N ILE A 8 6.93 13.27 -19.37
N ILE A 8 6.87 13.33 -19.39
CA ILE A 8 6.12 12.95 -20.53
CA ILE A 8 6.16 12.88 -20.59
C ILE A 8 4.68 13.30 -20.23
C ILE A 8 4.67 13.03 -20.38
N ALA A 9 4.01 13.84 -21.23
CA ALA A 9 2.58 13.94 -21.25
C ALA A 9 2.08 12.84 -22.18
N VAL A 10 1.09 12.10 -21.72
CA VAL A 10 0.53 11.00 -22.49
C VAL A 10 -0.78 11.49 -23.09
N VAL A 11 -0.91 11.36 -24.39
CA VAL A 11 -2.06 11.84 -25.14
C VAL A 11 -2.74 10.62 -25.76
N ALA A 12 -4.02 10.43 -25.44
CA ALA A 12 -4.85 9.46 -26.14
C ALA A 12 -5.56 10.15 -27.30
N GLY A 13 -5.55 9.50 -28.46
CA GLY A 13 -6.04 10.14 -29.66
C GLY A 13 -5.05 11.18 -30.18
N SER A 14 -5.58 12.25 -30.77
CA SER A 14 -4.75 13.30 -31.35
C SER A 14 -3.76 12.73 -32.37
N GLU A 15 -4.19 11.71 -33.10
CA GLU A 15 -3.31 11.04 -34.06
C GLU A 15 -2.80 11.98 -35.14
N ALA A 16 -3.59 12.99 -35.50
CA ALA A 16 -3.25 13.84 -36.63
C ALA A 16 -2.25 14.95 -36.29
N GLU A 17 -1.98 15.17 -35.01
N GLU A 17 -2.01 15.23 -35.02
CA GLU A 17 -1.06 16.20 -34.59
CA GLU A 17 -1.03 16.26 -34.71
C GLU A 17 0.39 15.71 -34.71
C GLU A 17 0.38 15.72 -34.88
N SER A 18 1.33 16.66 -34.83
CA SER A 18 2.74 16.34 -34.94
C SER A 18 3.63 17.03 -33.90
N VAL A 19 3.20 18.18 -33.35
CA VAL A 19 4.06 18.93 -32.43
C VAL A 19 3.26 19.27 -31.18
N PHE A 20 4.01 19.65 -30.14
CA PHE A 20 3.40 20.10 -28.90
C PHE A 20 4.17 21.29 -28.38
N ARG A 21 3.51 22.07 -27.54
CA ARG A 21 4.15 23.20 -26.86
C ARG A 21 3.92 23.09 -25.37
N VAL A 22 4.96 23.36 -24.58
CA VAL A 22 4.86 23.49 -23.13
C VAL A 22 4.86 24.99 -22.85
N VAL A 23 3.79 25.47 -22.20
CA VAL A 23 3.57 26.90 -22.00
C VAL A 23 3.64 27.18 -20.51
N ASP A 24 4.40 28.21 -20.13
CA ASP A 24 4.40 28.70 -18.75
C ASP A 24 3.12 29.50 -18.55
N ILE A 25 2.28 29.07 -17.62
N ILE A 25 2.26 29.05 -17.65
CA ILE A 25 0.97 29.70 -17.48
CA ILE A 25 0.97 29.72 -17.46
C ILE A 25 1.08 31.13 -16.97
C ILE A 25 1.17 31.18 -17.08
N GLY A 26 2.10 31.45 -16.16
CA GLY A 26 2.24 32.80 -15.65
C GLY A 26 2.61 33.83 -16.69
N THR A 27 3.40 33.44 -17.69
CA THR A 27 3.82 34.39 -18.71
C THR A 27 3.13 34.18 -20.05
N GLY A 28 2.61 32.98 -20.31
CA GLY A 28 2.13 32.65 -21.62
C GLY A 28 3.21 32.28 -22.61
N ASP A 29 4.47 32.22 -22.18
CA ASP A 29 5.54 31.95 -23.13
C ASP A 29 5.69 30.45 -23.33
N VAL A 30 6.03 30.08 -24.56
CA VAL A 30 6.39 28.69 -24.87
C VAL A 30 7.79 28.47 -24.35
N VAL A 31 7.94 27.52 -23.44
CA VAL A 31 9.26 27.20 -22.91
C VAL A 31 9.89 26.02 -23.62
N TYR A 32 9.09 25.19 -24.27
CA TYR A 32 9.61 24.01 -24.95
C TYR A 32 8.63 23.66 -26.07
N GLU A 33 9.17 23.40 -27.25
N GLU A 33 9.17 23.30 -27.23
CA GLU A 33 8.39 22.83 -28.34
CA GLU A 33 8.35 22.86 -28.36
C GLU A 33 9.09 21.57 -28.81
C GLU A 33 9.03 21.68 -29.04
N GLY A 34 8.31 20.57 -29.19
CA GLY A 34 8.89 19.37 -29.74
C GLY A 34 7.91 18.59 -30.58
N ARG A 35 8.40 17.47 -31.11
CA ARG A 35 7.57 16.56 -31.89
C ARG A 35 7.01 15.49 -30.98
N LEU A 36 5.73 15.16 -31.19
CA LEU A 36 5.11 14.04 -30.52
C LEU A 36 5.68 12.72 -31.02
N SER A 37 5.70 11.73 -30.12
CA SER A 37 6.09 10.40 -30.52
C SER A 37 5.00 9.80 -31.39
N ASP A 38 5.32 8.67 -32.02
CA ASP A 38 4.37 7.98 -32.87
C ASP A 38 3.25 7.37 -32.04
N SER A 39 2.06 7.33 -32.63
CA SER A 39 0.88 6.75 -31.98
C SER A 39 1.01 5.24 -31.93
N VAL A 40 0.77 4.66 -30.75
CA VAL A 40 0.82 3.21 -30.56
C VAL A 40 -0.41 2.73 -29.81
N TYR A 41 -1.01 1.65 -30.29
CA TYR A 41 -2.20 1.08 -29.68
C TYR A 41 -1.84 0.42 -28.34
N ASP A 42 -2.65 0.68 -27.30
CA ASP A 42 -2.43 0.16 -25.95
C ASP A 42 -3.48 -0.93 -25.68
N ASP A 43 -3.03 -2.18 -25.53
CA ASP A 43 -3.94 -3.32 -25.42
C ASP A 43 -4.90 -3.19 -24.22
N ALA A 44 -4.41 -2.73 -23.07
CA ALA A 44 -5.23 -2.79 -21.87
C ALA A 44 -6.34 -1.76 -21.88
N SER A 45 -6.17 -0.66 -22.62
CA SER A 45 -7.11 0.45 -22.60
C SER A 45 -7.94 0.59 -23.86
N GLY A 46 -7.48 0.06 -24.98
CA GLY A 46 -8.11 0.33 -26.25
C GLY A 46 -7.75 1.67 -26.82
N ASP A 47 -6.89 2.43 -26.15
CA ASP A 47 -6.51 3.77 -26.57
C ASP A 47 -5.32 3.69 -27.53
N THR A 48 -5.25 4.64 -28.45
CA THR A 48 -4.08 4.85 -29.29
C THR A 48 -3.38 6.06 -28.71
N VAL A 49 -2.21 5.85 -28.13
N VAL A 49 -2.13 5.85 -28.29
CA VAL A 49 -1.59 6.89 -27.31
CA VAL A 49 -1.45 6.67 -27.31
C VAL A 49 -0.20 7.21 -27.80
C VAL A 49 -0.18 7.23 -27.94
N ARG A 50 0.17 8.46 -27.58
CA ARG A 50 1.46 9.01 -27.96
C ARG A 50 1.91 9.90 -26.82
N HIS A 51 3.14 10.38 -26.88
N HIS A 51 3.15 10.39 -26.97
CA HIS A 51 3.58 11.19 -25.76
CA HIS A 51 3.88 11.05 -25.89
C HIS A 51 4.47 12.34 -26.21
C HIS A 51 4.40 12.41 -26.33
N ALA A 52 4.45 13.35 -25.37
CA ALA A 52 5.19 14.59 -25.52
C ALA A 52 6.28 14.55 -24.47
N ASP A 53 7.53 14.46 -24.92
CA ASP A 53 8.67 14.33 -24.02
C ASP A 53 9.37 15.69 -23.89
N PHE A 54 9.27 16.26 -22.70
CA PHE A 54 9.89 17.56 -22.40
C PHE A 54 10.77 17.47 -21.17
N GLY A 55 11.40 16.32 -20.96
CA GLY A 55 12.19 16.09 -19.76
C GLY A 55 13.34 17.07 -19.57
N GLU A 56 13.88 17.62 -20.68
CA GLU A 56 15.01 18.53 -20.55
C GLU A 56 14.62 19.89 -20.00
N TRP A 57 13.33 20.21 -19.96
CA TRP A 57 12.89 21.45 -19.33
C TRP A 57 12.78 21.23 -17.83
N LYS A 58 13.55 21.98 -17.04
CA LYS A 58 13.69 21.72 -15.62
C LYS A 58 13.29 22.87 -14.72
N ARG A 59 12.83 23.99 -15.26
CA ARG A 59 12.56 25.16 -14.44
C ARG A 59 11.28 24.97 -13.64
N PRO A 60 11.31 25.17 -12.32
CA PRO A 60 10.07 25.08 -11.56
C PRO A 60 9.03 26.09 -12.03
N GLY A 61 7.78 25.68 -11.97
CA GLY A 61 6.68 26.54 -12.32
C GLY A 61 5.41 25.74 -12.60
N SER A 62 4.41 26.44 -13.15
N SER A 62 4.44 26.44 -13.18
CA SER A 62 3.14 25.84 -13.52
CA SER A 62 3.15 25.87 -13.54
C SER A 62 2.97 25.97 -15.04
C SER A 62 2.98 25.97 -15.04
N TYR A 63 2.62 24.85 -15.69
CA TYR A 63 2.69 24.76 -17.13
C TYR A 63 1.48 24.04 -17.67
N SER A 64 1.27 24.17 -18.98
N SER A 64 1.25 24.22 -18.96
CA SER A 64 0.26 23.42 -19.71
CA SER A 64 0.31 23.38 -19.70
C SER A 64 0.83 22.99 -21.05
C SER A 64 1.03 22.85 -20.92
N VAL A 65 0.47 21.78 -21.49
CA VAL A 65 0.92 21.25 -22.77
C VAL A 65 -0.19 21.49 -23.79
N THR A 66 0.14 22.16 -24.89
CA THR A 66 -0.80 22.39 -25.98
C THR A 66 -0.51 21.39 -27.10
N VAL A 67 -1.55 20.71 -27.55
CA VAL A 67 -1.49 19.83 -28.71
C VAL A 67 -2.68 20.17 -29.61
N GLY A 68 -2.41 20.74 -30.77
CA GLY A 68 -3.49 21.13 -31.68
C GLY A 68 -4.42 22.15 -31.05
N ARG A 69 -5.70 21.79 -30.93
CA ARG A 69 -6.74 22.68 -30.40
C ARG A 69 -6.84 22.67 -28.89
N SER A 70 -6.14 21.77 -28.21
CA SER A 70 -6.40 21.51 -26.81
C SER A 70 -5.16 21.80 -25.98
N SER A 71 -5.41 22.17 -24.73
CA SER A 71 -4.33 22.39 -23.79
C SER A 71 -4.64 21.61 -22.51
N SER A 72 -3.61 20.97 -21.97
CA SER A 72 -3.78 20.17 -20.77
C SER A 72 -4.14 21.04 -19.57
N ALA A 73 -4.62 20.38 -18.52
CA ALA A 73 -4.78 21.07 -17.26
C ALA A 73 -3.41 21.52 -16.75
N PRO A 74 -3.34 22.60 -15.98
CA PRO A 74 -2.07 23.02 -15.41
C PRO A 74 -1.44 21.93 -14.57
N PHE A 75 -0.12 21.85 -14.64
CA PHE A 75 0.64 20.95 -13.77
C PHE A 75 1.88 21.68 -13.31
N ARG A 76 2.49 21.16 -12.25
CA ARG A 76 3.65 21.76 -11.63
C ARG A 76 4.91 20.99 -11.96
N ILE A 77 6.00 21.71 -12.15
CA ILE A 77 7.35 21.18 -12.04
C ILE A 77 7.92 21.80 -10.78
N GLY A 78 8.36 20.98 -9.84
CA GLY A 78 8.87 21.50 -8.59
C GLY A 78 9.49 20.40 -7.76
N ASN A 79 10.48 20.76 -6.96
CA ASN A 79 11.12 19.77 -6.10
C ASN A 79 10.21 19.29 -5.00
N ASP A 80 9.22 20.07 -4.62
CA ASP A 80 8.42 19.77 -3.43
C ASP A 80 7.15 18.99 -3.73
N VAL A 81 6.94 18.57 -4.98
CA VAL A 81 5.58 18.22 -5.39
C VAL A 81 4.98 17.00 -4.70
N TYR A 82 5.80 16.08 -4.17
CA TYR A 82 5.25 14.86 -3.59
C TYR A 82 5.23 14.89 -2.06
N ARG A 83 5.68 15.97 -1.43
CA ARG A 83 5.64 16.03 0.03
C ARG A 83 4.20 16.05 0.54
N ALA A 84 3.34 16.87 -0.06
CA ALA A 84 1.96 16.95 0.42
C ALA A 84 1.22 15.63 0.29
N PRO A 85 1.22 14.95 -0.86
CA PRO A 85 0.51 13.66 -0.90
C PRO A 85 1.11 12.63 0.02
N LEU A 86 2.43 12.63 0.23
CA LEU A 86 3.03 11.71 1.18
C LEU A 86 2.45 11.94 2.58
N ILE A 87 2.39 13.20 2.99
CA ILE A 87 1.86 13.54 4.30
C ILE A 87 0.39 13.14 4.41
N GLN A 88 -0.40 13.40 3.36
CA GLN A 88 -1.81 13.05 3.40
C GLN A 88 -2.00 11.54 3.50
N ALA A 89 -1.25 10.79 2.70
CA ALA A 89 -1.39 9.34 2.73
C ALA A 89 -0.97 8.79 4.08
N ALA A 90 0.13 9.28 4.64
CA ALA A 90 0.59 8.76 5.92
C ALA A 90 -0.39 9.11 7.03
N ARG A 91 -0.90 10.35 7.08
CA ARG A 91 -1.79 10.71 8.18
C ARG A 91 -3.19 10.12 8.01
N SER A 92 -3.52 9.60 6.81
CA SER A 92 -4.79 8.92 6.65
C SER A 92 -4.90 7.75 7.63
N TYR A 93 -3.77 7.16 8.03
CA TYR A 93 -3.82 6.07 8.98
C TYR A 93 -4.33 6.55 10.33
N THR A 94 -3.87 7.73 10.76
CA THR A 94 -4.39 8.30 12.01
C THR A 94 -5.91 8.39 11.95
N LEU A 95 -6.43 8.82 10.81
CA LEU A 95 -7.87 9.00 10.64
C LEU A 95 -8.63 7.69 10.55
N ALA A 96 -7.92 6.57 10.38
CA ALA A 96 -8.51 5.23 10.39
C ALA A 96 -8.50 4.56 11.76
N ARG A 97 -7.98 5.23 12.78
CA ARG A 97 -7.87 4.59 14.09
C ARG A 97 -9.22 4.18 14.63
N CYS A 98 -9.23 3.03 15.31
CA CYS A 98 -10.37 2.47 15.99
C CYS A 98 -10.16 2.55 17.50
N GLY A 99 -11.25 2.77 18.24
CA GLY A 99 -11.16 2.75 19.69
C GLY A 99 -10.86 4.08 20.31
N VAL A 100 -10.81 5.14 19.51
CA VAL A 100 -10.52 6.50 19.97
C VAL A 100 -11.48 7.45 19.28
N ALA A 101 -11.68 8.59 19.91
CA ALA A 101 -12.34 9.71 19.27
C ALA A 101 -11.32 10.46 18.43
N ILE A 102 -11.79 11.02 17.32
CA ILE A 102 -10.94 11.78 16.43
CA ILE A 102 -10.97 11.75 16.36
C ILE A 102 -11.62 13.10 16.14
N ASP A 103 -10.85 14.18 16.28
CA ASP A 103 -11.31 15.52 15.95
C ASP A 103 -10.14 16.17 15.19
N ASP A 104 -10.21 16.12 13.87
CA ASP A 104 -9.09 16.54 13.03
C ASP A 104 -9.40 17.89 12.38
N PRO A 105 -8.75 18.98 12.78
CA PRO A 105 -9.02 20.26 12.10
C PRO A 105 -8.53 20.31 10.67
N VAL A 106 -7.58 19.46 10.29
CA VAL A 106 -7.03 19.54 8.95
C VAL A 106 -8.10 19.17 7.92
N THR A 107 -8.75 18.02 8.10
CA THR A 107 -9.78 17.56 7.18
C THR A 107 -11.18 17.92 7.65
N GLY A 108 -11.35 18.16 8.94
CA GLY A 108 -12.66 18.29 9.53
C GLY A 108 -13.30 16.98 9.90
N LEU A 109 -12.55 15.89 9.80
CA LEU A 109 -13.10 14.59 10.17
C LEU A 109 -13.29 14.54 11.69
N ARG A 110 -14.50 14.19 12.12
CA ARG A 110 -14.80 14.08 13.53
C ARG A 110 -15.63 12.83 13.78
N HIS A 111 -15.24 12.04 14.79
CA HIS A 111 -16.10 10.98 15.27
C HIS A 111 -15.81 10.67 16.73
N ASP A 112 -16.84 10.21 17.44
CA ASP A 112 -16.71 9.82 18.83
C ASP A 112 -15.96 8.47 18.93
N VAL A 113 -15.61 8.09 20.16
CA VAL A 113 -14.93 6.80 20.38
C VAL A 113 -15.74 5.70 19.73
N CYS A 114 -15.08 4.86 18.93
CA CYS A 114 -15.77 3.78 18.25
C CYS A 114 -15.27 2.42 18.73
N HIS A 115 -16.17 1.45 18.67
CA HIS A 115 -15.85 0.05 18.90
C HIS A 115 -15.22 -0.16 20.26
N ALA A 116 -15.72 0.57 21.26
CA ALA A 116 -15.29 0.32 22.63
C ALA A 116 -15.53 -1.11 23.05
N GLN A 117 -16.54 -1.76 22.44
CA GLN A 117 -16.87 -3.14 22.75
C GLN A 117 -15.78 -4.11 22.31
N ASP A 118 -14.81 -3.65 21.51
CA ASP A 118 -13.66 -4.50 21.17
C ASP A 118 -12.79 -4.80 22.39
N LYS A 119 -12.94 -4.03 23.47
CA LYS A 119 -12.25 -4.33 24.71
C LYS A 119 -12.76 -5.63 25.34
N GLN A 120 -13.92 -6.12 24.89
CA GLN A 120 -14.47 -7.39 25.35
C GLN A 120 -15.00 -8.18 24.16
N ALA A 121 -14.26 -8.18 23.06
CA ALA A 121 -14.68 -8.93 21.88
C ALA A 121 -14.70 -10.42 22.20
N MET A 122 -15.72 -11.11 21.69
CA MET A 122 -15.95 -12.49 22.08
C MET A 122 -15.26 -13.44 21.12
N LEU A 123 -14.49 -14.40 21.65
CA LEU A 123 -13.90 -15.39 20.76
C LEU A 123 -15.01 -16.21 20.10
N PHE A 124 -14.95 -16.36 18.79
CA PHE A 124 -16.01 -17.02 18.05
C PHE A 124 -15.99 -18.53 18.20
N PHE A 125 -14.87 -19.08 18.71
CA PHE A 125 -14.69 -20.51 18.86
C PHE A 125 -13.99 -20.77 20.19
N GLU A 126 -14.03 -22.04 20.62
CA GLU A 126 -13.28 -22.47 21.78
C GLU A 126 -11.84 -22.85 21.39
N ASP A 127 -10.88 -22.41 22.21
CA ASP A 127 -9.50 -22.82 22.02
C ASP A 127 -8.89 -23.14 23.39
N PRO A 128 -7.62 -23.53 23.46
CA PRO A 128 -7.06 -23.92 24.75
C PRO A 128 -7.00 -22.80 25.77
N PHE A 129 -7.25 -21.56 25.37
CA PHE A 129 -7.06 -20.40 26.23
C PHE A 129 -8.34 -19.67 26.55
N HIS A 130 -9.42 -19.93 25.81
CA HIS A 130 -10.68 -19.24 26.00
C HIS A 130 -11.82 -20.16 25.63
N ARG A 131 -12.88 -20.13 26.44
CA ARG A 131 -14.14 -20.73 26.03
C ARG A 131 -14.74 -19.89 24.91
N GLN A 132 -15.53 -20.54 24.07
CA GLN A 132 -16.27 -19.82 23.06
C GLN A 132 -17.11 -18.74 23.73
N GLY A 133 -17.04 -17.52 23.22
CA GLY A 133 -17.73 -16.40 23.81
C GLY A 133 -16.94 -15.63 24.83
N ASP A 134 -15.78 -16.11 25.26
CA ASP A 134 -15.03 -15.40 26.27
C ASP A 134 -14.52 -14.08 25.71
N PRO A 135 -14.46 -13.02 26.51
CA PRO A 135 -13.99 -11.72 26.04
C PRO A 135 -12.46 -11.60 26.02
N ILE A 136 -11.97 -10.90 25.00
CA ILE A 136 -10.56 -10.58 24.82
C ILE A 136 -10.48 -9.10 24.47
N ASP A 137 -9.51 -8.38 25.05
CA ASP A 137 -9.32 -6.97 24.68
C ASP A 137 -8.49 -6.92 23.40
N VAL A 138 -9.18 -6.64 22.29
CA VAL A 138 -8.56 -6.50 20.97
C VAL A 138 -8.93 -5.13 20.43
N SER A 139 -9.04 -4.15 21.32
CA SER A 139 -9.31 -2.77 20.94
C SER A 139 -8.10 -2.16 20.26
N GLY A 140 -8.34 -1.02 19.60
CA GLY A 140 -7.28 -0.25 18.96
C GLY A 140 -7.08 -0.66 17.52
N GLY A 141 -5.92 -0.28 16.99
CA GLY A 141 -5.63 -0.60 15.60
C GLY A 141 -6.39 0.29 14.63
N TRP A 142 -6.25 -0.04 13.35
CA TRP A 142 -6.87 0.70 12.26
C TRP A 142 -8.05 -0.07 11.68
N HIS A 143 -9.12 0.65 11.34
CA HIS A 143 -10.14 0.09 10.48
C HIS A 143 -9.48 -0.27 9.15
N ASP A 144 -9.80 -1.45 8.62
CA ASP A 144 -9.04 -2.00 7.50
C ASP A 144 -9.22 -1.21 6.21
N ALA A 145 -10.44 -0.81 5.90
CA ALA A 145 -10.72 -0.37 4.55
C ALA A 145 -11.91 0.58 4.61
N GLY A 146 -12.97 0.30 3.84
CA GLY A 146 -14.20 1.07 3.94
C GLY A 146 -15.14 0.54 4.99
N ASP A 147 -14.79 -0.59 5.59
CA ASP A 147 -15.48 -1.20 6.72
C ASP A 147 -14.72 -0.87 7.98
N TYR A 148 -15.17 -1.46 9.09
CA TYR A 148 -14.56 -1.22 10.39
C TYR A 148 -13.94 -2.48 10.98
N GLY A 149 -13.84 -3.56 10.20
CA GLY A 149 -13.15 -4.74 10.66
C GLY A 149 -11.67 -4.49 10.72
N LYS A 150 -10.99 -5.34 11.51
CA LYS A 150 -9.56 -5.23 11.74
C LYS A 150 -8.96 -6.61 11.51
N TYR A 151 -8.01 -6.71 10.59
CA TYR A 151 -7.53 -7.99 10.10
C TYR A 151 -6.01 -8.06 10.20
N VAL A 152 -5.52 -9.16 10.76
CA VAL A 152 -4.08 -9.30 10.98
C VAL A 152 -3.28 -9.27 9.69
N PRO A 153 -3.66 -9.99 8.63
CA PRO A 153 -2.77 -10.04 7.46
C PRO A 153 -2.49 -8.67 6.85
N THR A 154 -3.54 -7.88 6.58
CA THR A 154 -3.33 -6.56 6.01
C THR A 154 -2.74 -5.59 7.04
N GLY A 155 -3.10 -5.75 8.31
CA GLY A 155 -2.52 -4.90 9.33
C GLY A 155 -1.02 -5.07 9.43
N ALA A 156 -0.56 -6.31 9.44
CA ALA A 156 0.86 -6.60 9.55
C ALA A 156 1.60 -6.16 8.29
N VAL A 157 1.04 -6.44 7.12
CA VAL A 157 1.74 -6.08 5.89
C VAL A 157 1.76 -4.57 5.69
N ALA A 158 0.67 -3.86 6.04
CA ALA A 158 0.66 -2.41 5.93
C ALA A 158 1.67 -1.80 6.91
N ALA A 159 1.63 -2.25 8.17
CA ALA A 159 2.58 -1.74 9.14
C ALA A 159 4.02 -1.96 8.68
N ALA A 160 4.31 -3.14 8.14
CA ALA A 160 5.66 -3.44 7.68
C ALA A 160 6.07 -2.50 6.56
N GLN A 161 5.17 -2.25 5.61
CA GLN A 161 5.48 -1.37 4.49
C GLN A 161 5.76 0.05 4.96
N LEU A 162 4.99 0.51 5.94
CA LEU A 162 5.21 1.83 6.52
C LEU A 162 6.53 1.89 7.27
N MET A 163 6.90 0.81 7.96
CA MET A 163 8.19 0.77 8.62
C MET A 163 9.33 0.74 7.62
N LEU A 164 9.15 0.09 6.47
CA LEU A 164 10.17 0.16 5.46
C LEU A 164 10.30 1.56 4.89
N ALA A 165 9.20 2.32 4.83
CA ALA A 165 9.29 3.71 4.42
C ALA A 165 10.10 4.52 5.42
N TRP A 166 9.89 4.28 6.72
CA TRP A 166 10.75 4.87 7.73
C TRP A 166 12.22 4.53 7.47
N GLU A 167 12.51 3.25 7.27
CA GLU A 167 13.91 2.84 7.16
C GLU A 167 14.56 3.35 5.88
N MET A 168 13.76 3.60 4.85
CA MET A 168 14.35 4.16 3.63
C MET A 168 14.92 5.54 3.90
N ARG A 169 14.21 6.40 4.63
CA ARG A 169 14.61 7.78 4.83
C ARG A 169 14.25 8.25 6.23
N PRO A 170 14.96 7.75 7.24
CA PRO A 170 14.60 8.13 8.61
C PRO A 170 14.73 9.62 8.86
N GLU A 171 15.68 10.29 8.21
CA GLU A 171 15.84 11.70 8.51
C GLU A 171 14.74 12.55 7.86
N LEU A 172 14.17 12.08 6.75
CA LEU A 172 12.96 12.72 6.23
C LEU A 172 11.84 12.64 7.26
N TRP A 173 11.60 11.45 7.78
CA TRP A 173 10.46 11.24 8.66
C TRP A 173 10.66 11.83 10.05
N ARG A 174 11.90 11.98 10.51
CA ARG A 174 12.11 12.60 11.81
C ARG A 174 11.59 14.04 11.81
N SER A 175 11.56 14.70 10.64
CA SER A 175 11.18 16.10 10.57
C SER A 175 9.87 16.30 9.82
N LEU A 176 9.02 15.28 9.78
CA LEU A 176 7.76 15.35 9.06
C LEU A 176 6.63 15.22 10.06
N SER A 177 5.81 16.27 10.17
CA SER A 177 4.66 16.27 11.06
C SER A 177 3.44 15.72 10.34
N LEU A 178 2.73 14.82 11.01
CA LEU A 178 1.45 14.33 10.52
C LEU A 178 0.28 15.06 11.14
N SER A 179 0.55 16.12 11.91
CA SER A 179 -0.51 16.91 12.54
C SER A 179 -1.51 16.01 13.28
N LEU A 180 -0.96 15.19 14.18
CA LEU A 180 -1.78 14.26 14.95
C LEU A 180 -2.83 15.01 15.76
N PRO A 181 -4.11 14.63 15.67
CA PRO A 181 -5.16 15.27 16.48
C PRO A 181 -4.92 15.16 17.98
N ALA A 182 -5.60 16.05 18.70
CA ALA A 182 -5.47 16.11 20.14
C ALA A 182 -5.91 14.80 20.79
N GLY A 183 -5.23 14.48 21.88
CA GLY A 183 -5.59 13.35 22.70
C GLY A 183 -5.00 12.04 22.24
N LEU A 184 -4.46 11.98 21.02
CA LEU A 184 -3.98 10.73 20.48
C LEU A 184 -2.51 10.52 20.83
N SER A 185 -2.19 9.31 21.25
CA SER A 185 -0.81 8.87 21.44
C SER A 185 0.00 9.81 22.31
N GLU A 186 -0.57 10.20 23.45
CA GLU A 186 0.05 11.25 24.25
C GLU A 186 1.39 10.80 24.82
N PRO A 187 1.50 9.60 25.38
CA PRO A 187 2.82 9.17 25.90
C PRO A 187 3.87 9.10 24.82
N GLU A 188 3.51 8.58 23.64
CA GLU A 188 4.49 8.45 22.57
C GLU A 188 4.95 9.81 22.09
N ARG A 189 4.03 10.78 22.04
CA ARG A 189 4.39 12.11 21.57
C ARG A 189 5.24 12.84 22.61
N ARG A 190 4.91 12.68 23.90
CA ARG A 190 5.74 13.28 24.93
C ARG A 190 7.15 12.74 24.87
N ALA A 191 7.31 11.48 24.49
CA ALA A 191 8.62 10.87 24.35
C ALA A 191 9.37 11.30 23.09
N GLY A 192 8.75 12.10 22.21
CA GLY A 192 9.44 12.58 21.02
C GLY A 192 9.59 11.59 19.90
N LEU A 193 8.79 10.52 19.91
CA LEU A 193 8.84 9.57 18.81
C LEU A 193 8.40 10.26 17.52
N PRO A 194 9.06 10.01 16.39
CA PRO A 194 8.61 10.60 15.13
C PRO A 194 7.15 10.24 14.85
N ASP A 195 6.43 11.18 14.25
CA ASP A 195 4.99 10.98 14.05
C ASP A 195 4.69 9.70 13.28
N LEU A 196 5.45 9.38 12.24
CA LEU A 196 5.14 8.15 11.50
C LEU A 196 5.23 6.95 12.43
N LEU A 197 6.24 6.94 13.30
CA LEU A 197 6.40 5.80 14.22
C LEU A 197 5.34 5.80 15.30
N VAL A 198 4.86 6.98 15.70
CA VAL A 198 3.71 7.03 16.59
C VAL A 198 2.53 6.30 15.96
N GLU A 199 2.27 6.61 14.69
CA GLU A 199 1.10 6.04 14.03
C GLU A 199 1.24 4.54 13.84
N ILE A 200 2.39 4.07 13.36
CA ILE A 200 2.62 2.63 13.19
C ILE A 200 2.43 1.91 14.50
N LYS A 201 2.89 2.51 15.60
CA LYS A 201 2.79 1.83 16.89
C LYS A 201 1.33 1.60 17.28
N TYR A 202 0.41 2.45 16.83
CA TYR A 202 -0.99 2.18 17.13
C TYR A 202 -1.42 0.85 16.56
N GLU A 203 -0.95 0.51 15.34
CA GLU A 203 -1.28 -0.77 14.75
C GLU A 203 -0.50 -1.91 15.40
N LEU A 204 0.81 -1.73 15.67
CA LEU A 204 1.57 -2.79 16.30
C LEU A 204 0.99 -3.12 17.67
N ASP A 205 0.57 -2.10 18.42
CA ASP A 205 -0.07 -2.36 19.72
C ASP A 205 -1.27 -3.28 19.56
N TRP A 206 -2.06 -3.07 18.52
CA TRP A 206 -3.23 -3.90 18.28
C TRP A 206 -2.83 -5.30 17.85
N LEU A 207 -1.87 -5.42 16.93
CA LEU A 207 -1.41 -6.73 16.51
C LEU A 207 -0.99 -7.56 17.72
N LEU A 208 -0.26 -6.94 18.67
CA LEU A 208 0.15 -7.66 19.88
C LEU A 208 -1.04 -8.26 20.63
N ARG A 209 -2.18 -7.59 20.60
CA ARG A 209 -3.36 -8.07 21.31
C ARG A 209 -4.02 -9.29 20.66
N MET A 210 -3.66 -9.56 19.40
CA MET A 210 -4.24 -10.66 18.66
C MET A 210 -3.47 -11.96 18.84
N GLN A 211 -2.36 -11.92 19.56
CA GLN A 211 -1.55 -13.10 19.80
C GLN A 211 -1.99 -13.80 21.07
N ARG A 212 -2.09 -15.11 21.01
CA ARG A 212 -2.47 -15.89 22.17
C ARG A 212 -1.24 -16.47 22.86
N PRO A 213 -1.39 -17.07 24.03
CA PRO A 213 -0.21 -17.39 24.85
C PRO A 213 0.79 -18.31 24.19
N ASP A 214 0.31 -19.25 23.37
CA ASP A 214 1.22 -20.18 22.69
C ASP A 214 1.93 -19.56 21.49
N GLY A 215 1.67 -18.29 21.19
CA GLY A 215 2.36 -17.60 20.11
C GLY A 215 1.54 -17.45 18.84
N ALA A 216 0.52 -18.28 18.66
CA ALA A 216 -0.30 -18.18 17.46
C ALA A 216 -1.16 -16.92 17.51
N VAL A 217 -1.63 -16.51 16.34
CA VAL A 217 -2.32 -15.22 16.19
C VAL A 217 -3.67 -15.44 15.52
N TYR A 218 -4.71 -14.85 16.09
CA TYR A 218 -6.05 -14.91 15.52
C TYR A 218 -6.09 -14.13 14.19
N LEU A 219 -7.20 -14.25 13.46
CA LEU A 219 -7.28 -13.64 12.14
C LEU A 219 -7.81 -12.21 12.13
N LYS A 220 -8.96 -11.97 12.75
CA LYS A 220 -9.63 -10.68 12.54
C LYS A 220 -10.62 -10.41 13.65
N VAL A 221 -11.05 -9.15 13.69
CA VAL A 221 -12.07 -8.65 14.61
C VAL A 221 -13.15 -7.98 13.77
N ALA A 222 -14.39 -8.40 13.97
CA ALA A 222 -15.50 -7.77 13.26
C ALA A 222 -16.80 -8.19 13.92
N GLY A 223 -17.92 -7.67 13.39
CA GLY A 223 -19.22 -8.12 13.83
C GLY A 223 -19.72 -9.31 13.02
N GLY A 224 -20.95 -9.71 13.31
CA GLY A 224 -21.63 -10.75 12.57
C GLY A 224 -22.37 -10.28 11.34
N ALA A 225 -22.40 -8.98 11.09
CA ALA A 225 -23.06 -8.42 9.92
C ALA A 225 -22.29 -7.19 9.49
N TRP A 226 -22.40 -6.85 8.21
CA TRP A 226 -21.76 -5.65 7.73
C TRP A 226 -22.56 -4.43 8.16
N PRO A 227 -21.93 -3.41 8.74
CA PRO A 227 -22.67 -2.18 9.03
C PRO A 227 -23.00 -1.46 7.73
N GLY A 228 -23.99 -0.60 7.81
CA GLY A 228 -24.30 0.30 6.71
C GLY A 228 -23.32 1.46 6.66
N TYR A 229 -23.72 2.49 5.91
CA TYR A 229 -22.90 3.70 5.78
C TYR A 229 -23.15 4.58 6.99
N ILE A 230 -22.54 4.18 8.10
CA ILE A 230 -22.79 4.81 9.40
C ILE A 230 -21.45 5.16 10.02
N ARG A 231 -21.50 6.15 10.90
N ARG A 231 -21.49 6.15 10.91
CA ARG A 231 -20.34 6.51 11.70
CA ARG A 231 -20.32 6.52 11.68
C ARG A 231 -19.90 5.30 12.53
C ARG A 231 -19.90 5.33 12.55
N PRO A 232 -18.60 5.16 12.79
CA PRO A 232 -18.15 3.97 13.51
C PRO A 232 -18.67 3.88 14.93
N GLU A 233 -18.93 5.00 15.58
CA GLU A 233 -19.47 4.96 16.92
C GLU A 233 -20.93 4.52 16.94
N GLU A 234 -21.59 4.48 15.78
CA GLU A 234 -22.94 3.97 15.69
C GLU A 234 -22.97 2.47 15.42
N ASP A 235 -21.82 1.86 15.18
CA ASP A 235 -21.71 0.42 14.92
C ASP A 235 -21.56 -0.27 16.26
N THR A 236 -22.69 -0.42 16.95
CA THR A 236 -22.73 -0.86 18.35
C THR A 236 -22.90 -2.36 18.52
N ALA A 237 -23.10 -3.10 17.44
CA ALA A 237 -23.33 -4.54 17.54
C ALA A 237 -22.10 -5.24 18.10
N ASP A 238 -22.35 -6.40 18.70
CA ASP A 238 -21.28 -7.18 19.30
C ASP A 238 -20.17 -7.45 18.30
N ARG A 239 -18.94 -7.42 18.78
CA ARG A 239 -17.77 -7.74 17.99
C ARG A 239 -17.12 -9.00 18.50
N TYR A 240 -16.48 -9.71 17.57
CA TYR A 240 -15.93 -11.03 17.81
C TYR A 240 -14.50 -11.10 17.31
N VAL A 241 -13.74 -12.03 17.90
CA VAL A 241 -12.45 -12.48 17.39
C VAL A 241 -12.69 -13.74 16.59
N PHE A 242 -12.27 -13.72 15.33
CA PHE A 242 -12.49 -14.80 14.39
C PHE A 242 -11.15 -15.34 13.90
N GLY A 243 -11.13 -16.64 13.68
CA GLY A 243 -10.08 -17.27 12.90
C GLY A 243 -8.79 -17.50 13.66
N LEU A 244 -7.90 -18.23 12.99
N LEU A 244 -7.87 -18.19 12.98
CA LEU A 244 -6.57 -18.56 13.48
CA LEU A 244 -6.55 -18.52 13.50
C LEU A 244 -5.83 -19.02 12.24
C LEU A 244 -5.77 -19.10 12.33
N SER A 245 -4.67 -18.45 11.94
CA SER A 245 -3.99 -18.85 10.73
C SER A 245 -2.49 -18.83 10.95
N THR A 246 -1.81 -19.76 10.31
CA THR A 246 -0.36 -19.77 10.34
C THR A 246 0.22 -18.67 9.47
N TYR A 247 -0.40 -18.37 8.32
CA TYR A 247 0.17 -17.33 7.48
C TYR A 247 0.09 -15.97 8.18
N GLY A 248 -1.00 -15.73 8.92
CA GLY A 248 -1.12 -14.49 9.67
C GLY A 248 -0.22 -14.47 10.89
N THR A 249 -0.04 -15.63 11.54
CA THR A 249 0.93 -15.73 12.63
C THR A 249 2.33 -15.38 12.14
N ALA A 250 2.69 -15.85 10.95
CA ALA A 250 3.99 -15.52 10.37
C ALA A 250 4.09 -14.06 9.98
N GLN A 251 3.02 -13.48 9.42
CA GLN A 251 3.06 -12.05 9.11
C GLN A 251 3.21 -11.20 10.36
N PHE A 252 2.47 -11.57 11.41
CA PHE A 252 2.66 -10.93 12.71
C PHE A 252 4.13 -10.99 13.13
N ALA A 253 4.75 -12.17 13.02
CA ALA A 253 6.15 -12.32 13.41
C ALA A 253 7.04 -11.41 12.57
N GLY A 254 6.78 -11.33 11.28
CA GLY A 254 7.59 -10.44 10.45
C GLY A 254 7.44 -8.98 10.86
N ALA A 255 6.21 -8.54 11.08
CA ALA A 255 5.98 -7.15 11.45
C ALA A 255 6.57 -6.83 12.82
N ALA A 256 6.39 -7.75 13.78
CA ALA A 256 6.95 -7.54 15.12
C ALA A 256 8.47 -7.58 15.11
N ALA A 257 9.07 -8.48 14.33
CA ALA A 257 10.53 -8.53 14.25
C ALA A 257 11.08 -7.27 13.62
N MET A 258 10.40 -6.76 12.60
CA MET A 258 10.80 -5.50 12.01
C MET A 258 10.62 -4.35 13.00
N GLY A 259 9.50 -4.33 13.69
CA GLY A 259 9.26 -3.30 14.69
C GLY A 259 10.29 -3.31 15.80
N ALA A 260 10.73 -4.50 16.21
CA ALA A 260 11.77 -4.59 17.23
C ALA A 260 13.00 -3.80 16.81
N ARG A 261 13.40 -3.94 15.55
CA ARG A 261 14.56 -3.21 15.06
C ARG A 261 14.26 -1.71 14.97
N VAL A 262 13.11 -1.37 14.43
CA VAL A 262 12.77 0.02 14.17
C VAL A 262 12.62 0.82 15.46
N TYR A 263 12.00 0.22 16.47
CA TYR A 263 11.71 0.94 17.70
C TYR A 263 12.82 0.89 18.73
N ALA A 264 13.82 0.00 18.56
CA ALA A 264 14.86 -0.14 19.58
C ALA A 264 15.58 1.15 19.89
N PRO A 265 15.84 2.07 18.94
CA PRO A 265 16.52 3.31 19.29
C PRO A 265 15.70 4.24 20.16
N PHE A 266 14.38 4.04 20.20
CA PHE A 266 13.47 4.95 20.87
C PHE A 266 12.93 4.39 22.18
N LEU A 267 12.54 3.12 22.17
CA LEU A 267 11.77 2.51 23.27
C LEU A 267 12.32 1.12 23.53
N PRO A 268 13.35 1.00 24.34
CA PRO A 268 13.97 -0.33 24.49
C PRO A 268 13.06 -1.41 25.03
N ASP A 269 12.14 -1.08 25.96
CA ASP A 269 11.24 -2.12 26.46
C ASP A 269 10.22 -2.52 25.42
N TYR A 270 9.67 -1.55 24.67
CA TYR A 270 8.68 -1.89 23.66
C TYR A 270 9.30 -2.72 22.54
N ALA A 271 10.53 -2.35 22.14
CA ALA A 271 11.20 -3.10 21.09
C ALA A 271 11.44 -4.54 21.52
N ARG A 272 11.79 -4.75 22.78
CA ARG A 272 12.02 -6.09 23.30
C ARG A 272 10.70 -6.86 23.34
N LYS A 273 9.62 -6.17 23.73
CA LYS A 273 8.30 -6.79 23.77
C LYS A 273 7.92 -7.30 22.37
N LEU A 274 8.16 -6.46 21.36
CA LEU A 274 7.88 -6.86 19.99
C LEU A 274 8.73 -8.06 19.60
N LEU A 275 10.03 -8.03 19.91
CA LEU A 275 10.89 -9.14 19.48
C LEU A 275 10.49 -10.44 20.18
N ASP A 276 10.19 -10.38 21.47
CA ASP A 276 9.80 -11.59 22.19
C ASP A 276 8.50 -12.14 21.59
N ALA A 277 7.57 -11.26 21.27
CA ALA A 277 6.32 -11.70 20.65
C ALA A 277 6.57 -12.35 19.30
N ALA A 278 7.45 -11.73 18.49
CA ALA A 278 7.78 -12.30 17.19
C ALA A 278 8.36 -13.70 17.34
N ILE A 279 9.21 -13.89 18.34
CA ILE A 279 9.85 -15.18 18.53
C ILE A 279 8.85 -16.21 19.05
N ARG A 280 7.92 -15.82 19.94
CA ARG A 280 6.89 -16.77 20.34
C ARG A 280 6.07 -17.23 19.13
N ALA A 281 5.76 -16.31 18.21
CA ALA A 281 5.04 -16.69 17.00
C ALA A 281 5.90 -17.63 16.14
N GLN A 282 7.19 -17.30 15.98
CA GLN A 282 8.06 -18.15 15.19
C GLN A 282 8.20 -19.53 15.82
N ARG A 283 8.27 -19.60 17.13
CA ARG A 283 8.38 -20.89 17.78
C ARG A 283 7.09 -21.69 17.63
N TYR A 284 5.93 -21.03 17.71
CA TYR A 284 4.69 -21.74 17.38
C TYR A 284 4.78 -22.32 15.99
N LEU A 285 5.25 -21.53 15.03
CA LEU A 285 5.31 -21.98 13.65
C LEU A 285 6.28 -23.14 13.48
N GLU A 286 7.44 -23.08 14.13
CA GLU A 286 8.41 -24.18 14.00
C GLU A 286 7.86 -25.47 14.57
N GLN A 287 7.07 -25.39 15.65
CA GLN A 287 6.49 -26.57 16.27
C GLN A 287 5.20 -27.02 15.59
N HIS A 288 4.63 -26.21 14.71
CA HIS A 288 3.42 -26.54 13.98
C HIS A 288 3.70 -26.27 12.51
N PRO A 289 4.47 -27.14 11.85
CA PRO A 289 4.99 -26.81 10.50
C PRO A 289 3.94 -26.83 9.40
N ASP A 290 2.79 -27.42 9.62
CA ASP A 290 1.81 -27.49 8.55
C ASP A 290 0.97 -26.23 8.53
N PRO A 291 0.45 -25.83 7.38
CA PRO A 291 -0.40 -24.63 7.34
C PRO A 291 -1.73 -24.90 8.01
N GLU A 292 -2.26 -23.86 8.64
CA GLU A 292 -3.61 -23.88 9.18
C GLU A 292 -4.31 -22.59 8.80
N PHE A 293 -5.57 -22.73 8.37
CA PHE A 293 -6.46 -21.59 8.26
C PHE A 293 -7.78 -22.03 8.84
N ARG A 294 -8.11 -21.53 10.02
CA ARG A 294 -9.34 -21.96 10.70
C ARG A 294 -10.54 -21.26 10.08
N TYR A 295 -11.57 -22.05 9.77
CA TYR A 295 -12.83 -21.50 9.29
C TYR A 295 -13.98 -22.04 10.12
N ASP A 296 -14.68 -21.16 10.83
CA ASP A 296 -15.93 -21.48 11.50
C ASP A 296 -17.06 -20.83 10.73
N GLU A 297 -18.15 -21.58 10.53
CA GLU A 297 -19.23 -21.07 9.70
C GLU A 297 -19.76 -19.77 10.31
N GLY A 298 -19.92 -18.76 9.45
CA GLY A 298 -20.38 -17.46 9.87
C GLY A 298 -19.28 -16.43 10.05
N GLN A 299 -18.01 -16.83 10.07
CA GLN A 299 -16.97 -15.85 10.36
C GLN A 299 -16.83 -14.78 9.28
N ASN A 300 -17.35 -15.01 8.07
CA ASN A 300 -17.30 -14.02 7.00
C ASN A 300 -18.63 -13.30 6.77
N ASN A 301 -19.58 -13.45 7.69
CA ASN A 301 -20.87 -12.81 7.54
C ASN A 301 -20.83 -11.28 7.63
N GLY A 302 -19.81 -10.73 8.27
CA GLY A 302 -19.71 -9.29 8.44
C GLY A 302 -18.32 -8.74 8.21
N SER A 303 -17.48 -9.48 7.51
CA SER A 303 -16.10 -9.09 7.29
C SER A 303 -15.49 -9.95 6.18
N GLY A 304 -14.41 -9.44 5.58
CA GLY A 304 -13.78 -10.11 4.46
C GLY A 304 -13.03 -11.37 4.86
N PRO A 305 -12.81 -12.29 3.91
CA PRO A 305 -12.29 -13.61 4.26
C PRO A 305 -10.79 -13.65 4.54
N TYR A 306 -10.01 -12.93 3.75
CA TYR A 306 -8.54 -12.93 3.83
C TYR A 306 -8.01 -14.34 4.06
N GLU A 307 -8.38 -15.22 3.15
CA GLU A 307 -8.07 -16.63 3.28
C GLU A 307 -6.82 -17.00 2.48
N LYS A 308 -5.86 -17.61 3.17
CA LYS A 308 -4.74 -18.27 2.51
C LYS A 308 -4.49 -19.56 3.23
N ARG A 309 -4.57 -20.68 2.50
CA ARG A 309 -4.47 -22.00 3.09
C ARG A 309 -3.09 -22.62 2.98
N THR A 310 -2.14 -21.90 2.38
CA THR A 310 -0.72 -22.19 2.48
C THR A 310 -0.07 -20.97 3.13
N ASP A 311 1.23 -21.08 3.41
CA ASP A 311 1.85 -20.04 4.24
C ASP A 311 3.36 -19.95 4.03
N ARG A 312 3.91 -20.50 2.95
CA ARG A 312 5.37 -20.60 2.85
C ARG A 312 6.03 -19.23 2.74
N GLU A 313 5.47 -18.33 1.94
CA GLU A 313 6.09 -17.03 1.72
C GLU A 313 6.10 -16.22 3.01
N GLU A 314 5.09 -16.41 3.84
CA GLU A 314 4.99 -15.67 5.10
C GLU A 314 5.89 -16.26 6.17
N ARG A 315 5.94 -17.59 6.27
CA ARG A 315 6.93 -18.22 7.15
C ARG A 315 8.35 -17.80 6.80
N PHE A 316 8.62 -17.68 5.50
CA PHE A 316 9.93 -17.24 5.05
C PHE A 316 10.20 -15.81 5.50
N TRP A 317 9.23 -14.91 5.31
CA TRP A 317 9.39 -13.54 5.80
C TRP A 317 9.66 -13.51 7.30
N ALA A 318 8.87 -14.24 8.08
CA ALA A 318 9.08 -14.25 9.53
C ALA A 318 10.52 -14.63 9.87
N ALA A 319 11.01 -15.71 9.28
CA ALA A 319 12.36 -16.18 9.62
C ALA A 319 13.41 -15.20 9.13
N ALA A 320 13.22 -14.61 7.95
CA ALA A 320 14.22 -13.71 7.41
C ALA A 320 14.26 -12.39 8.18
N GLU A 321 13.09 -11.89 8.58
CA GLU A 321 13.07 -10.66 9.37
C GLU A 321 13.71 -10.91 10.73
N LEU A 322 13.44 -12.07 11.33
CA LEU A 322 14.12 -12.41 12.57
C LEU A 322 15.63 -12.55 12.36
N LEU A 323 16.05 -13.15 11.26
CA LEU A 323 17.48 -13.20 10.97
C LEU A 323 18.07 -11.79 10.94
N ARG A 324 17.41 -10.89 10.20
CA ARG A 324 17.92 -9.53 10.08
C ARG A 324 17.99 -8.83 11.43
N THR A 325 16.94 -8.94 12.24
CA THR A 325 16.88 -8.20 13.50
C THR A 325 17.80 -8.82 14.57
N THR A 326 17.84 -10.15 14.66
CA THR A 326 18.56 -10.78 15.76
C THR A 326 20.02 -11.07 15.47
N ASP A 327 20.40 -11.17 14.19
CA ASP A 327 21.74 -11.62 13.80
C ASP A 327 22.05 -13.03 14.28
N ASP A 328 21.00 -13.83 14.51
CA ASP A 328 21.16 -15.20 14.96
C ASP A 328 21.18 -16.10 13.74
N ALA A 329 22.35 -16.68 13.45
CA ALA A 329 22.53 -17.43 12.21
C ALA A 329 21.70 -18.70 12.17
N ARG A 330 21.13 -19.15 13.30
CA ARG A 330 20.25 -20.30 13.23
C ARG A 330 19.06 -20.03 12.31
N TYR A 331 18.66 -18.76 12.14
CA TYR A 331 17.58 -18.47 11.21
C TYR A 331 18.03 -18.63 9.76
N ASP A 332 19.31 -18.38 9.48
CA ASP A 332 19.80 -18.62 8.13
C ASP A 332 19.76 -20.10 7.80
N ALA A 333 20.17 -20.93 8.75
CA ALA A 333 20.10 -22.37 8.54
C ALA A 333 18.67 -22.82 8.31
N TYR A 334 17.74 -22.29 9.11
CA TYR A 334 16.33 -22.65 8.96
C TYR A 334 15.82 -22.25 7.58
N ILE A 335 16.17 -21.05 7.14
CA ILE A 335 15.72 -20.57 5.84
C ILE A 335 16.31 -21.41 4.72
N ARG A 336 17.60 -21.74 4.82
CA ARG A 336 18.23 -22.52 3.76
C ARG A 336 17.68 -23.94 3.71
N GLU A 337 17.25 -24.47 4.86
CA GLU A 337 16.67 -25.81 4.87
C GLU A 337 15.27 -25.82 4.23
N HIS A 338 14.42 -24.84 4.53
CA HIS A 338 13.02 -24.90 4.15
C HIS A 338 12.63 -23.99 3.00
N PHE A 339 13.38 -22.92 2.74
CA PHE A 339 12.93 -21.90 1.80
C PHE A 339 13.99 -21.56 0.77
N SER A 340 14.79 -22.55 0.35
N SER A 340 14.81 -22.53 0.37
CA SER A 340 15.88 -22.28 -0.59
CA SER A 340 15.88 -22.22 -0.58
C SER A 340 15.32 -21.74 -1.90
C SER A 340 15.33 -21.74 -1.92
N ASP A 341 14.10 -22.11 -2.27
CA ASP A 341 13.52 -21.62 -3.51
C ASP A 341 13.33 -20.10 -3.49
N PHE A 342 13.04 -19.53 -2.33
CA PHE A 342 12.85 -18.09 -2.24
C PHE A 342 14.17 -17.33 -2.19
N LEU A 343 15.28 -18.03 -1.99
CA LEU A 343 16.58 -17.39 -2.09
C LEU A 343 17.12 -17.37 -3.51
N GLU A 344 16.47 -18.08 -4.44
N GLU A 344 16.46 -18.07 -4.44
CA GLU A 344 16.92 -18.21 -5.81
CA GLU A 344 16.94 -18.18 -5.81
C GLU A 344 16.00 -17.54 -6.82
C GLU A 344 15.95 -17.67 -6.84
N GLY A 345 14.79 -17.17 -6.44
CA GLY A 345 13.84 -16.66 -7.38
C GLY A 345 12.51 -16.40 -6.70
N LYS A 346 11.47 -16.32 -7.52
CA LYS A 346 10.08 -16.18 -7.08
C LYS A 346 9.76 -14.80 -6.49
N THR A 347 10.55 -13.79 -6.78
CA THR A 347 10.17 -12.44 -6.38
C THR A 347 8.84 -12.07 -7.01
N SER A 348 7.98 -11.44 -6.21
CA SER A 348 6.69 -10.93 -6.63
C SER A 348 6.33 -9.78 -5.71
N ALA A 349 5.48 -8.88 -6.19
CA ALA A 349 5.15 -7.70 -5.40
C ALA A 349 4.50 -8.10 -4.09
N VAL A 350 4.77 -7.30 -3.07
CA VAL A 350 4.21 -7.54 -1.75
C VAL A 350 2.70 -7.36 -1.77
N PHE A 351 1.99 -8.31 -1.16
CA PHE A 351 0.61 -8.08 -0.75
C PHE A 351 0.29 -9.09 0.35
N TRP A 352 -0.90 -8.97 0.92
CA TRP A 352 -1.27 -9.80 2.05
C TRP A 352 -1.27 -11.28 1.72
N GLY A 353 -1.39 -11.65 0.46
CA GLY A 353 -1.34 -13.03 0.09
C GLY A 353 0.01 -13.55 -0.35
N ASN A 354 1.04 -12.71 -0.33
CA ASN A 354 2.37 -13.14 -0.73
C ASN A 354 3.40 -12.13 -0.24
N THR A 355 4.07 -12.47 0.85
CA THR A 355 5.10 -11.61 1.42
C THR A 355 6.52 -12.05 1.07
N VAL A 356 6.71 -12.78 -0.03
CA VAL A 356 8.05 -13.29 -0.36
C VAL A 356 9.05 -12.16 -0.42
N LEU A 357 8.66 -11.01 -0.97
CA LEU A 357 9.62 -9.93 -1.16
C LEU A 357 9.97 -9.25 0.15
N LEU A 358 9.06 -9.26 1.12
CA LEU A 358 9.45 -8.80 2.45
C LEU A 358 10.53 -9.70 3.02
N GLY A 359 10.38 -11.01 2.82
CA GLY A 359 11.42 -11.92 3.26
C GLY A 359 12.73 -11.75 2.50
N GLN A 360 12.65 -11.57 1.18
CA GLN A 360 13.88 -11.38 0.40
C GLN A 360 14.59 -10.08 0.78
N TRP A 361 13.83 -9.02 1.00
CA TRP A 361 14.41 -7.75 1.43
C TRP A 361 15.08 -7.88 2.80
N ALA A 362 14.43 -8.57 3.73
CA ALA A 362 15.05 -8.79 5.03
C ALA A 362 16.34 -9.59 4.88
N TYR A 363 16.31 -10.64 4.06
CA TYR A 363 17.47 -11.51 3.93
C TYR A 363 18.66 -10.77 3.34
N VAL A 364 18.45 -9.96 2.30
CA VAL A 364 19.57 -9.28 1.65
CA VAL A 364 19.56 -9.28 1.64
C VAL A 364 20.14 -8.17 2.51
N ASN A 365 19.42 -7.75 3.54
CA ASN A 365 19.90 -6.77 4.49
C ASN A 365 20.33 -7.37 5.82
N ALA A 366 20.43 -8.70 5.89
CA ALA A 366 20.77 -9.37 7.13
C ALA A 366 22.28 -9.59 7.18
N GLU A 367 22.91 -9.06 8.22
CA GLU A 367 24.36 -9.17 8.35
C GLU A 367 24.82 -10.63 8.40
N ARG A 368 24.02 -11.52 8.97
CA ARG A 368 24.42 -12.91 9.17
C ARG A 368 23.83 -13.85 8.12
N ALA A 369 23.15 -13.32 7.12
CA ALA A 369 22.75 -14.16 6.00
C ALA A 369 23.98 -14.58 5.20
N ASP A 370 23.92 -15.80 4.64
CA ASP A 370 25.02 -16.30 3.82
C ASP A 370 25.25 -15.39 2.61
N ALA A 371 26.51 -15.03 2.38
CA ALA A 371 26.81 -14.02 1.36
C ALA A 371 26.41 -14.47 -0.04
N ASP A 372 26.69 -15.73 -0.39
CA ASP A 372 26.33 -16.20 -1.72
C ASP A 372 24.82 -16.22 -1.92
N HIS A 373 24.07 -16.56 -0.87
CA HIS A 373 22.62 -16.55 -0.99
C HIS A 373 22.07 -15.13 -1.04
N LYS A 374 22.73 -14.18 -0.36
CA LYS A 374 22.32 -12.79 -0.53
C LYS A 374 22.52 -12.34 -1.97
N ALA A 375 23.62 -12.76 -2.60
CA ALA A 375 23.83 -12.43 -4.00
C ALA A 375 22.71 -13.00 -4.88
N SER A 376 22.30 -14.23 -4.59
N SER A 376 22.28 -14.22 -4.59
CA SER A 376 21.22 -14.85 -5.35
CA SER A 376 21.21 -14.82 -5.39
C SER A 376 19.91 -14.08 -5.17
C SER A 376 19.87 -14.12 -5.17
N VAL A 377 19.65 -13.64 -3.95
CA VAL A 377 18.41 -12.90 -3.74
C VAL A 377 18.48 -11.54 -4.41
N ARG A 378 19.62 -10.87 -4.43
N ARG A 378 19.62 -10.86 -4.43
CA ARG A 378 19.76 -9.62 -5.18
CA ARG A 378 19.77 -9.62 -5.19
C ARG A 378 19.45 -9.83 -6.65
C ARG A 378 19.44 -9.84 -6.66
N ALA A 379 19.94 -10.94 -7.23
CA ALA A 379 19.68 -11.22 -8.63
C ALA A 379 18.22 -11.53 -8.89
N SER A 380 17.53 -12.14 -7.93
CA SER A 380 16.10 -12.35 -8.10
C SER A 380 15.36 -11.03 -8.15
N LEU A 381 15.74 -10.10 -7.26
CA LEU A 381 15.12 -8.78 -7.25
C LEU A 381 15.38 -8.03 -8.53
N THR A 382 16.63 -8.07 -9.04
CA THR A 382 16.92 -7.33 -10.26
C THR A 382 16.27 -7.98 -11.49
N ALA A 383 16.14 -9.31 -11.52
CA ALA A 383 15.44 -9.93 -12.63
C ALA A 383 13.99 -9.47 -12.67
N TYR A 384 13.33 -9.42 -11.52
CA TYR A 384 11.95 -8.97 -11.48
C TYR A 384 11.85 -7.50 -11.87
N ALA A 385 12.73 -6.66 -11.31
CA ALA A 385 12.73 -5.24 -11.67
C ALA A 385 12.98 -5.06 -13.16
N ASP A 386 13.91 -5.82 -13.73
CA ASP A 386 14.19 -5.69 -15.16
C ASP A 386 12.95 -6.02 -15.99
N GLU A 387 12.21 -7.03 -15.57
CA GLU A 387 10.96 -7.40 -16.24
C GLU A 387 9.95 -6.25 -16.19
N LEU A 388 9.80 -5.64 -15.00
CA LEU A 388 8.89 -4.51 -14.87
C LEU A 388 9.30 -3.35 -15.78
N VAL A 389 10.60 -3.08 -15.87
CA VAL A 389 11.07 -2.01 -16.73
C VAL A 389 10.75 -2.33 -18.18
N ARG A 390 10.98 -3.58 -18.59
CA ARG A 390 10.66 -3.97 -19.97
C ARG A 390 9.20 -3.72 -20.27
N TRP A 391 8.30 -4.15 -19.37
CA TRP A 391 6.87 -3.96 -19.57
C TRP A 391 6.54 -2.48 -19.67
N ALA A 392 6.98 -1.69 -18.68
CA ALA A 392 6.57 -0.31 -18.62
C ALA A 392 7.14 0.50 -19.78
N SER A 393 8.40 0.20 -20.17
N SER A 393 8.39 0.23 -20.17
CA SER A 393 9.06 1.00 -21.20
CA SER A 393 9.03 1.06 -21.18
C SER A 393 8.37 0.88 -22.54
C SER A 393 8.40 0.88 -22.55
N ALA A 394 7.67 -0.22 -22.76
CA ALA A 394 6.98 -0.46 -24.02
C ALA A 394 5.50 -0.14 -23.93
N ASN A 395 5.01 0.25 -22.75
CA ASN A 395 3.61 0.52 -22.53
C ASN A 395 3.33 2.01 -22.72
N GLY A 396 2.27 2.33 -23.46
CA GLY A 396 1.98 3.73 -23.78
C GLY A 396 1.74 4.61 -22.56
N TYR A 397 1.21 4.05 -21.48
CA TYR A 397 1.03 4.78 -20.23
C TYR A 397 2.21 4.60 -19.26
N ARG A 398 3.31 4.01 -19.74
CA ARG A 398 4.46 3.72 -18.88
C ARG A 398 4.05 2.94 -17.64
N SER A 399 3.03 2.11 -17.78
CA SER A 399 2.49 1.32 -16.67
C SER A 399 3.15 -0.05 -16.58
N VAL A 400 3.38 -0.50 -15.34
CA VAL A 400 3.87 -1.86 -15.08
C VAL A 400 2.77 -2.90 -15.09
N LEU A 401 1.53 -2.50 -15.32
CA LEU A 401 0.41 -3.43 -15.39
C LEU A 401 0.22 -3.91 -16.82
N ARG A 402 0.00 -5.19 -16.95
CA ARG A 402 -0.40 -5.82 -18.20
C ARG A 402 -1.92 -5.94 -18.26
N PRO A 403 -2.49 -6.18 -19.43
CA PRO A 403 -3.95 -6.35 -19.50
C PRO A 403 -4.51 -7.34 -18.47
N THR A 404 -3.82 -8.45 -18.24
CA THR A 404 -4.28 -9.47 -17.30
C THR A 404 -4.06 -9.10 -15.84
N ASP A 405 -3.47 -7.94 -15.55
CA ASP A 405 -3.25 -7.51 -14.18
C ASP A 405 -4.38 -6.66 -13.62
N TYR A 406 -5.44 -6.44 -14.39
CA TYR A 406 -6.54 -5.59 -13.92
C TYR A 406 -7.53 -6.48 -13.17
N PHE A 407 -7.08 -6.86 -11.98
N PHE A 407 -7.07 -6.89 -11.99
CA PHE A 407 -7.83 -7.63 -10.99
CA PHE A 407 -7.83 -7.64 -10.99
C PHE A 407 -7.99 -6.76 -9.75
C PHE A 407 -8.09 -6.72 -9.80
N TRP A 408 -8.82 -7.22 -8.81
CA TRP A 408 -9.06 -6.46 -7.59
C TRP A 408 -7.73 -6.05 -6.98
N GLY A 409 -7.57 -4.76 -6.71
CA GLY A 409 -6.35 -4.25 -6.13
C GLY A 409 -5.27 -3.87 -7.11
N SER A 410 -5.63 -3.63 -8.37
CA SER A 410 -4.63 -3.30 -9.38
C SER A 410 -3.82 -2.06 -9.00
N ALA A 411 -4.44 -1.06 -8.37
CA ALA A 411 -3.66 0.12 -7.99
C ALA A 411 -2.65 -0.20 -6.90
N ARG A 412 -3.02 -1.07 -5.94
CA ARG A 412 -2.03 -1.58 -4.99
C ARG A 412 -0.90 -2.28 -5.75
N GLU A 413 -1.26 -3.12 -6.71
CA GLU A 413 -0.26 -3.87 -7.46
C GLU A 413 0.70 -2.95 -8.20
N ALA A 414 0.18 -1.89 -8.80
CA ALA A 414 1.06 -0.94 -9.47
C ALA A 414 2.07 -0.36 -8.49
N MET A 415 1.62 -0.01 -7.30
CA MET A 415 2.51 0.60 -6.32
C MET A 415 3.39 -0.44 -5.65
N GLY A 416 2.90 -1.67 -5.51
CA GLY A 416 3.76 -2.74 -5.02
C GLY A 416 4.87 -3.05 -6.00
N ARG A 417 4.58 -2.98 -7.28
CA ARG A 417 5.61 -3.17 -8.29
C ARG A 417 6.62 -2.01 -8.26
N ALA A 418 6.12 -0.79 -8.10
CA ALA A 418 7.01 0.35 -7.92
C ALA A 418 7.89 0.17 -6.68
N GLN A 419 7.31 -0.39 -5.63
CA GLN A 419 8.05 -0.66 -4.41
C GLN A 419 9.20 -1.64 -4.71
N ALA A 420 8.89 -2.70 -5.45
CA ALA A 420 9.90 -3.68 -5.82
C ALA A 420 11.02 -3.06 -6.63
N LEU A 421 10.67 -2.13 -7.52
CA LEU A 421 11.69 -1.44 -8.31
C LEU A 421 12.63 -0.64 -7.41
N LEU A 422 12.07 -0.01 -6.38
CA LEU A 422 12.88 0.77 -5.46
C LEU A 422 13.74 -0.12 -4.57
N LEU A 423 13.24 -1.29 -4.18
CA LEU A 423 14.09 -2.20 -3.41
C LEU A 423 15.23 -2.73 -4.28
N ALA A 424 14.94 -3.01 -5.54
CA ALA A 424 16.00 -3.40 -6.48
C ALA A 424 17.01 -2.28 -6.64
N ASP A 425 16.55 -1.04 -6.74
CA ASP A 425 17.49 0.09 -6.84
C ASP A 425 18.38 0.19 -5.62
N ALA A 426 17.87 -0.19 -4.45
CA ALA A 426 18.67 -0.12 -3.24
C ALA A 426 19.81 -1.13 -3.28
N VAL A 427 19.58 -2.32 -3.83
CA VAL A 427 20.62 -3.34 -3.86
C VAL A 427 21.50 -3.23 -5.08
N ALA A 428 20.99 -2.64 -6.16
CA ALA A 428 21.69 -2.59 -7.44
C ALA A 428 21.23 -1.35 -8.17
N PRO A 429 21.78 -0.19 -7.80
CA PRO A 429 21.27 1.09 -8.32
C PRO A 429 21.17 1.12 -9.84
N ASN A 430 20.05 1.62 -10.32
CA ASN A 430 19.78 1.70 -11.75
C ASN A 430 18.73 2.78 -11.95
N ARG A 431 19.10 3.82 -12.69
CA ARG A 431 18.18 4.93 -12.89
C ARG A 431 16.86 4.48 -13.49
N ALA A 432 16.87 3.43 -14.32
CA ALA A 432 15.63 2.95 -14.91
C ALA A 432 14.65 2.45 -13.85
N TYR A 433 15.17 1.83 -12.78
CA TYR A 433 14.28 1.39 -11.71
C TYR A 433 13.62 2.58 -11.05
N LEU A 434 14.42 3.60 -10.71
N LEU A 434 14.41 3.61 -10.78
CA LEU A 434 13.86 4.80 -10.10
CA LEU A 434 13.92 4.79 -10.10
C LEU A 434 12.81 5.42 -11.00
C LEU A 434 12.91 5.54 -10.96
N GLU A 435 13.17 5.64 -12.26
CA GLU A 435 12.25 6.32 -13.17
C GLU A 435 10.97 5.54 -13.37
N THR A 436 11.06 4.21 -13.48
CA THR A 436 9.85 3.40 -13.68
C THR A 436 8.99 3.40 -12.43
N ALA A 437 9.62 3.39 -11.26
CA ALA A 437 8.84 3.52 -10.02
C ALA A 437 8.07 4.84 -10.01
N LEU A 438 8.76 5.94 -10.33
CA LEU A 438 8.11 7.24 -10.36
C LEU A 438 6.97 7.27 -11.37
N ASP A 439 7.14 6.59 -12.51
CA ASP A 439 6.09 6.50 -13.51
C ASP A 439 4.82 5.90 -12.93
N GLN A 440 4.93 5.02 -11.92
CA GLN A 440 3.72 4.45 -11.35
C GLN A 440 3.00 5.45 -10.46
N ALA A 441 3.75 6.36 -9.83
CA ALA A 441 3.10 7.48 -9.14
C ALA A 441 2.38 8.39 -10.12
N HIS A 442 3.01 8.68 -11.27
CA HIS A 442 2.31 9.48 -12.26
C HIS A 442 1.01 8.80 -12.67
N TRP A 443 1.08 7.48 -12.89
CA TRP A 443 -0.10 6.68 -13.21
C TRP A 443 -1.16 6.80 -12.12
N LEU A 444 -0.74 6.59 -10.86
CA LEU A 444 -1.66 6.60 -9.74
C LEU A 444 -2.39 7.93 -9.63
N PHE A 445 -1.71 9.02 -9.94
CA PHE A 445 -2.28 10.35 -9.78
C PHE A 445 -3.07 10.81 -11.00
N GLY A 446 -3.24 9.96 -12.00
CA GLY A 446 -4.20 10.21 -13.06
C GLY A 446 -3.69 10.07 -14.48
N ARG A 447 -2.40 9.80 -14.65
CA ARG A 447 -1.86 9.60 -15.99
C ARG A 447 -2.12 8.15 -16.41
N ASN A 448 -3.39 7.89 -16.69
CA ASN A 448 -3.84 6.53 -16.97
C ASN A 448 -5.12 6.60 -17.80
N ALA A 449 -5.49 5.45 -18.35
CA ALA A 449 -6.60 5.41 -19.30
C ALA A 449 -7.94 5.71 -18.68
N ALA A 450 -8.10 5.53 -17.37
CA ALA A 450 -9.37 5.83 -16.72
C ALA A 450 -9.55 7.32 -16.48
N GLY A 451 -8.50 8.12 -16.64
CA GLY A 451 -8.63 9.54 -16.53
C GLY A 451 -8.91 10.02 -15.12
N THR A 452 -8.42 9.28 -14.12
CA THR A 452 -8.65 9.66 -12.73
C THR A 452 -7.47 9.20 -11.89
N SER A 453 -7.18 9.98 -10.86
CA SER A 453 -6.33 9.50 -9.79
C SER A 453 -7.05 8.40 -9.04
N PHE A 454 -6.27 7.45 -8.53
CA PHE A 454 -6.80 6.44 -7.62
C PHE A 454 -6.47 6.75 -6.18
N MET A 455 -5.90 7.91 -5.90
CA MET A 455 -5.68 8.41 -4.54
C MET A 455 -6.63 9.58 -4.31
N THR A 456 -7.40 9.51 -3.23
CA THR A 456 -8.32 10.60 -2.94
C THR A 456 -7.57 11.90 -2.69
N GLY A 457 -8.23 13.00 -3.04
CA GLY A 457 -7.72 14.31 -2.74
C GLY A 457 -6.61 14.80 -3.61
N ILE A 458 -6.23 14.04 -4.64
CA ILE A 458 -5.13 14.36 -5.55
C ILE A 458 -5.63 14.15 -6.96
N GLY A 459 -5.38 15.10 -7.83
CA GLY A 459 -5.67 14.92 -9.24
C GLY A 459 -6.84 15.77 -9.72
N MET A 460 -6.82 16.08 -11.02
CA MET A 460 -7.94 16.78 -11.64
C MET A 460 -9.23 16.02 -11.41
N HIS A 461 -9.16 14.70 -11.48
CA HIS A 461 -10.23 13.80 -11.13
C HIS A 461 -9.67 12.82 -10.12
N SER A 462 -10.47 12.52 -9.10
CA SER A 462 -10.07 11.58 -8.06
C SER A 462 -11.34 11.06 -7.44
N PRO A 463 -11.26 9.98 -6.66
CA PRO A 463 -12.49 9.33 -6.18
C PRO A 463 -13.18 10.23 -5.16
N GLN A 464 -14.44 10.56 -5.44
CA GLN A 464 -15.24 11.41 -4.56
C GLN A 464 -16.28 10.62 -3.77
N LYS A 465 -16.56 9.40 -4.23
CA LYS A 465 -17.54 8.54 -3.58
C LYS A 465 -16.89 7.19 -3.24
N PRO A 466 -15.75 7.22 -2.57
CA PRO A 466 -15.10 5.95 -2.19
C PRO A 466 -16.04 5.12 -1.33
N HIS A 467 -15.95 3.81 -1.50
CA HIS A 467 -16.72 2.90 -0.66
C HIS A 467 -16.10 2.91 0.71
N HIS A 468 -16.53 3.84 1.56
CA HIS A 468 -15.85 4.12 2.81
C HIS A 468 -16.90 4.66 3.76
N ARG A 469 -17.18 3.93 4.83
CA ARG A 469 -18.33 4.27 5.66
C ARG A 469 -18.14 5.58 6.41
N LEU A 470 -16.89 5.92 6.76
N LEU A 470 -16.90 5.93 6.74
CA LEU A 470 -16.67 7.20 7.44
CA LEU A 470 -16.68 7.18 7.44
C LEU A 470 -16.83 8.37 6.48
C LEU A 470 -16.78 8.39 6.50
N VAL A 471 -16.22 8.28 5.29
CA VAL A 471 -16.42 9.34 4.30
C VAL A 471 -17.89 9.51 3.98
N ALA A 472 -18.60 8.40 3.79
CA ALA A 472 -20.00 8.49 3.39
C ALA A 472 -20.86 9.08 4.50
N SER A 473 -20.65 8.63 5.74
CA SER A 473 -21.53 9.05 6.82
C SER A 473 -21.27 10.49 7.23
N THR A 474 -20.01 10.94 7.14
CA THR A 474 -19.65 12.31 7.52
C THR A 474 -19.56 13.26 6.34
N GLN A 475 -19.61 12.76 5.11
CA GLN A 475 -19.48 13.63 3.92
C GLN A 475 -18.22 14.49 4.01
N THR A 476 -17.12 13.87 4.42
CA THR A 476 -15.85 14.54 4.62
C THR A 476 -14.81 13.89 3.74
N LEU A 477 -14.14 14.72 2.91
CA LEU A 477 -13.02 14.24 2.12
C LEU A 477 -11.86 13.86 3.03
N ILE A 478 -11.40 12.63 2.92
CA ILE A 478 -10.17 12.21 3.57
C ILE A 478 -9.15 12.03 2.44
N PRO A 479 -8.17 12.90 2.28
CA PRO A 479 -7.21 12.73 1.18
C PRO A 479 -6.20 11.66 1.51
N GLY A 480 -5.54 11.17 0.46
CA GLY A 480 -4.45 10.24 0.61
C GLY A 480 -4.82 8.78 0.62
N LEU A 481 -6.09 8.43 0.43
CA LEU A 481 -6.53 7.05 0.42
C LEU A 481 -6.42 6.47 -0.98
N VAL A 482 -5.85 5.28 -1.10
CA VAL A 482 -5.75 4.60 -2.39
C VAL A 482 -6.87 3.57 -2.51
N VAL A 483 -7.68 3.68 -3.57
CA VAL A 483 -8.74 2.73 -3.88
C VAL A 483 -8.19 1.53 -4.65
N GLY A 484 -9.01 0.49 -4.78
CA GLY A 484 -8.55 -0.75 -5.38
C GLY A 484 -8.01 -0.57 -6.79
N GLY A 485 -8.71 0.23 -7.61
CA GLY A 485 -8.27 0.46 -8.97
C GLY A 485 -9.05 -0.39 -9.96
N PRO A 486 -8.77 -0.20 -11.25
CA PRO A 486 -9.60 -0.88 -12.27
C PRO A 486 -9.49 -2.39 -12.16
N ASN A 487 -10.63 -3.06 -12.35
CA ASN A 487 -10.75 -4.48 -12.07
C ASN A 487 -11.77 -5.05 -13.05
N ALA A 488 -11.28 -5.78 -14.03
CA ALA A 488 -12.13 -6.31 -15.08
C ALA A 488 -12.84 -7.59 -14.69
N GLN A 489 -12.66 -8.06 -13.45
CA GLN A 489 -13.24 -9.31 -12.99
C GLN A 489 -14.53 -9.14 -12.22
N GLY A 490 -14.91 -7.91 -11.91
CA GLY A 490 -16.14 -7.70 -11.19
C GLY A 490 -15.96 -7.94 -9.71
N GLY A 491 -17.10 -8.07 -9.04
CA GLY A 491 -17.09 -8.34 -7.61
C GLY A 491 -18.04 -7.46 -6.83
N ASP A 492 -18.66 -6.47 -7.46
CA ASP A 492 -19.68 -5.68 -6.79
C ASP A 492 -20.82 -5.46 -7.79
N PRO A 493 -22.00 -5.06 -7.30
CA PRO A 493 -23.16 -5.03 -8.21
C PRO A 493 -23.04 -3.99 -9.30
N ILE A 494 -22.31 -2.90 -9.07
CA ILE A 494 -22.20 -1.86 -10.07
C ILE A 494 -21.28 -2.33 -11.19
N MET A 495 -20.08 -2.79 -10.84
CA MET A 495 -19.14 -3.25 -11.85
C MET A 495 -19.66 -4.50 -12.55
N ASP A 496 -20.33 -5.38 -11.82
CA ASP A 496 -20.85 -6.59 -12.45
C ASP A 496 -21.82 -6.23 -13.57
N ARG A 497 -22.69 -5.24 -13.34
CA ARG A 497 -23.64 -4.81 -14.37
C ARG A 497 -22.92 -4.13 -15.52
N LEU A 498 -21.99 -3.22 -15.22
CA LEU A 498 -21.26 -2.52 -16.26
C LEU A 498 -20.55 -3.52 -17.16
N LEU A 499 -19.88 -4.51 -16.56
CA LEU A 499 -19.09 -5.44 -17.35
C LEU A 499 -19.97 -6.33 -18.21
N ARG A 500 -21.10 -6.79 -17.66
CA ARG A 500 -21.96 -7.70 -18.43
C ARG A 500 -22.78 -6.99 -19.49
N GLU A 501 -23.13 -5.72 -19.29
CA GLU A 501 -24.03 -5.05 -20.22
C GLU A 501 -23.32 -4.26 -21.32
N SER A 502 -22.02 -4.01 -21.17
CA SER A 502 -21.33 -3.13 -22.10
C SER A 502 -21.08 -3.84 -23.42
N ASP A 503 -21.38 -3.15 -24.51
CA ASP A 503 -21.08 -3.60 -25.86
C ASP A 503 -20.68 -2.37 -26.66
N PRO A 504 -19.41 -2.24 -27.09
CA PRO A 504 -18.33 -3.22 -26.90
C PRO A 504 -18.00 -3.39 -25.41
N ARG A 505 -17.36 -4.52 -25.09
CA ARG A 505 -16.94 -4.77 -23.71
C ARG A 505 -15.97 -3.69 -23.23
N VAL A 506 -15.99 -3.45 -21.93
CA VAL A 506 -15.10 -2.48 -21.30
C VAL A 506 -13.68 -2.99 -21.39
N PHE A 507 -12.75 -2.11 -21.76
CA PHE A 507 -11.35 -2.48 -21.74
C PHE A 507 -10.85 -2.52 -20.29
N PRO A 508 -9.96 -3.45 -19.96
CA PRO A 508 -9.64 -3.66 -18.53
C PRO A 508 -9.12 -2.43 -17.81
N ALA A 509 -8.30 -1.60 -18.46
CA ALA A 509 -7.76 -0.43 -17.79
C ALA A 509 -8.82 0.62 -17.51
N LYS A 510 -10.01 0.49 -18.09
CA LYS A 510 -11.10 1.42 -17.86
C LYS A 510 -12.21 0.82 -17.02
N ALA A 511 -11.96 -0.34 -16.40
CA ALA A 511 -12.98 -1.04 -15.61
C ALA A 511 -13.01 -0.45 -14.21
N TYR A 512 -13.53 0.79 -14.15
CA TYR A 512 -13.53 1.55 -12.91
C TYR A 512 -14.69 2.54 -12.95
N VAL A 513 -15.36 2.74 -11.82
CA VAL A 513 -16.36 3.78 -11.68
C VAL A 513 -16.27 4.33 -10.26
N ASP A 514 -16.54 5.63 -10.13
CA ASP A 514 -16.52 6.33 -8.83
C ASP A 514 -17.94 6.36 -8.28
N ASP A 515 -18.31 5.30 -7.57
CA ASP A 515 -19.62 5.16 -6.96
C ASP A 515 -19.46 4.49 -5.60
N TRP A 516 -20.35 4.86 -4.67
CA TRP A 516 -20.24 4.35 -3.30
C TRP A 516 -20.24 2.84 -3.27
N GLU A 517 -21.08 2.19 -4.07
CA GLU A 517 -21.25 0.74 -4.00
C GLU A 517 -20.28 -0.04 -4.86
N ALA A 518 -19.39 0.64 -5.59
CA ALA A 518 -18.48 -0.07 -6.50
C ALA A 518 -17.22 -0.52 -5.75
N TYR A 519 -17.45 -1.38 -4.74
CA TYR A 519 -16.36 -1.72 -3.83
C TYR A 519 -15.30 -2.62 -4.45
N SER A 520 -15.52 -3.16 -5.65
CA SER A 520 -14.50 -3.99 -6.29
C SER A 520 -13.43 -3.13 -6.99
N VAL A 521 -13.66 -1.83 -7.06
CA VAL A 521 -12.75 -0.89 -7.71
C VAL A 521 -12.52 0.39 -6.93
N ASN A 522 -13.43 0.74 -6.01
CA ASN A 522 -13.48 2.09 -5.45
C ASN A 522 -13.44 2.09 -3.92
N GLU A 523 -12.93 1.03 -3.30
CA GLU A 523 -12.79 0.98 -1.85
C GLU A 523 -11.33 1.19 -1.48
N PRO A 524 -11.02 2.12 -0.58
CA PRO A 524 -9.64 2.25 -0.10
C PRO A 524 -9.37 1.28 1.02
N ALA A 525 -8.12 0.85 1.12
CA ALA A 525 -7.72 -0.10 2.15
C ALA A 525 -6.32 0.22 2.63
N ILE A 526 -6.03 -0.14 3.89
CA ILE A 526 -4.73 0.19 4.47
C ILE A 526 -3.58 -0.40 3.68
N ASP A 527 -3.79 -1.56 3.06
CA ASP A 527 -2.71 -2.20 2.32
C ASP A 527 -2.62 -1.68 0.89
N TYR A 528 -3.57 -0.86 0.45
CA TYR A 528 -3.43 -0.17 -0.83
C TYR A 528 -2.61 1.10 -0.66
N THR A 529 -2.90 1.85 0.40
CA THR A 529 -2.19 3.10 0.65
C THR A 529 -0.74 2.85 1.03
N ALA A 530 -0.45 1.73 1.68
CA ALA A 530 0.88 1.52 2.25
C ALA A 530 1.98 1.54 1.19
N PRO A 531 1.89 0.79 0.08
CA PRO A 531 2.96 0.89 -0.90
C PRO A 531 3.05 2.26 -1.53
N ALA A 532 1.94 2.99 -1.63
CA ALA A 532 2.01 4.36 -2.11
C ALA A 532 2.82 5.23 -1.17
N VAL A 533 2.64 5.09 0.15
CA VAL A 533 3.47 5.84 1.10
C VAL A 533 4.94 5.50 0.88
N PHE A 534 5.23 4.20 0.75
CA PHE A 534 6.61 3.77 0.55
C PHE A 534 7.20 4.41 -0.69
N VAL A 535 6.49 4.36 -1.82
CA VAL A 535 7.04 4.90 -3.07
C VAL A 535 7.20 6.43 -2.98
N LEU A 536 6.19 7.12 -2.46
CA LEU A 536 6.28 8.57 -2.37
C LEU A 536 7.41 9.03 -1.44
N THR A 537 7.75 8.23 -0.44
CA THR A 537 8.87 8.55 0.44
C THR A 537 10.14 8.85 -0.36
N ARG A 538 10.38 8.05 -1.40
CA ARG A 538 11.61 8.19 -2.17
C ARG A 538 11.67 9.51 -2.90
N PHE A 539 10.52 10.09 -3.23
CA PHE A 539 10.47 11.24 -4.12
C PHE A 539 10.04 12.52 -3.42
N ALA A 540 9.77 12.48 -2.13
CA ALA A 540 9.36 13.66 -1.40
C ALA A 540 10.57 14.48 -1.00
N GLU A 541 10.43 15.79 -1.07
CA GLU A 541 11.50 16.69 -0.67
C GLU A 541 11.61 16.72 0.84
N ASP A 542 12.83 16.61 1.34
CA ASP A 542 13.12 16.76 2.76
C ASP A 542 13.28 18.25 3.04
N ARG A 543 12.33 18.81 3.78
CA ARG A 543 12.33 20.23 4.10
C ARG A 543 12.13 21.09 2.86
#